data_3KEV
#
_entry.id   3KEV
#
_cell.length_a   36.743
_cell.length_b   52.422
_cell.length_c   49.113
_cell.angle_alpha   90.000
_cell.angle_beta   111.170
_cell.angle_gamma   90.000
#
_symmetry.space_group_name_H-M   'P 1 21 1'
#
loop_
_entity.id
_entity.type
_entity.pdbx_description
1 polymer 'Galieria sulfuraria DCUN1 domain-containing protein'
2 non-polymer 'SULFATE ION'
3 non-polymer 'ACETATE ION'
4 water water
#
_entity_poly.entity_id   1
_entity_poly.type   'polypeptide(L)'
_entity_poly.pdbx_seq_one_letter_code
;SKRADKKAILELFQTYKEPLGNYIGAEGLQRLFEDIQVDPSDVVTLVLAWKLKASST(CSO)EFSEKEFVEGLANLQVDS
LEKLKRKLSSLRKEIEDPSKFRAFYQFVFQYSKEPSQRSLPAETA(MSE)ALWDVLLRGRFSLLDSWLEFLKNNTHSISR
DTWNLLYDFSQLSEKDLSDYDENGAWPVLIDDFVKWLKHEQPNKHES
;
_entity_poly.pdbx_strand_id   A
#
loop_
_chem_comp.id
_chem_comp.type
_chem_comp.name
_chem_comp.formula
ACT non-polymer 'ACETATE ION' 'C2 H3 O2 -1'
SO4 non-polymer 'SULFATE ION' 'O4 S -2'
#
# COMPACT_ATOMS: atom_id res chain seq x y z
N ALA A 4 11.17 -20.78 10.37
CA ALA A 4 11.88 -19.58 10.77
C ALA A 4 12.10 -19.52 12.28
N ASP A 5 13.26 -19.05 12.68
CA ASP A 5 13.65 -19.00 14.07
C ASP A 5 12.85 -17.88 14.73
N LYS A 6 11.88 -18.25 15.57
CA LYS A 6 11.08 -17.24 16.24
C LYS A 6 11.92 -16.40 17.19
N LYS A 7 12.96 -17.01 17.75
CA LYS A 7 13.85 -16.28 18.62
C LYS A 7 14.52 -15.11 17.86
N ALA A 8 15.00 -15.41 16.68
CA ALA A 8 15.65 -14.38 15.86
C ALA A 8 14.64 -13.29 15.43
N ILE A 9 13.42 -13.71 15.08
CA ILE A 9 12.40 -12.75 14.69
C ILE A 9 12.05 -11.84 15.87
N LEU A 10 11.91 -12.44 17.06
CA LEU A 10 11.62 -11.64 18.24
C LEU A 10 12.75 -10.67 18.60
N GLU A 11 14.00 -11.04 18.33
N GLU A 11 14.00 -11.02 18.32
CA GLU A 11 15.12 -10.13 18.53
CA GLU A 11 15.07 -10.09 18.55
C GLU A 11 15.07 -8.95 17.55
C GLU A 11 15.06 -8.93 17.56
N LEU A 12 14.66 -9.21 16.32
CA LEU A 12 14.43 -8.10 15.40
C LEU A 12 13.32 -7.18 15.89
N PHE A 13 12.25 -7.80 16.39
CA PHE A 13 11.18 -7.00 16.93
C PHE A 13 11.69 -6.08 18.07
N GLN A 14 12.46 -6.67 18.99
N GLN A 14 12.44 -6.66 19.00
CA GLN A 14 12.99 -5.91 20.12
CA GLN A 14 12.96 -5.95 20.13
C GLN A 14 13.80 -4.72 19.69
C GLN A 14 13.82 -4.74 19.70
N THR A 15 14.54 -4.89 18.59
CA THR A 15 15.40 -3.83 18.08
C THR A 15 14.60 -2.61 17.61
N TYR A 16 13.45 -2.84 16.98
CA TYR A 16 12.70 -1.73 16.39
C TYR A 16 11.43 -1.27 17.09
N LYS A 17 11.02 -2.00 18.14
CA LYS A 17 9.76 -1.65 18.83
C LYS A 17 9.80 -0.30 19.48
N GLU A 18 8.63 0.32 19.58
CA GLU A 18 8.47 1.56 20.29
C GLU A 18 8.46 1.37 21.82
N PRO A 19 8.60 2.49 22.55
CA PRO A 19 8.74 2.35 24.01
C PRO A 19 7.59 1.59 24.70
N LEU A 20 6.36 1.71 24.22
N LEU A 20 6.37 1.69 24.23
CA LEU A 20 5.27 0.95 24.83
CA LEU A 20 5.27 0.94 24.80
C LEU A 20 5.48 -0.56 24.74
C LEU A 20 5.47 -0.58 24.72
N GLY A 21 6.24 -1.03 23.74
CA GLY A 21 6.70 -2.40 23.73
C GLY A 21 6.01 -3.41 22.82
N ASN A 22 4.84 -3.06 22.31
CA ASN A 22 3.99 -4.04 21.64
C ASN A 22 3.74 -3.71 20.15
N TYR A 23 4.49 -2.76 19.61
CA TYR A 23 4.38 -2.50 18.17
C TYR A 23 5.64 -1.80 17.73
N ILE A 24 5.90 -1.88 16.42
CA ILE A 24 6.87 -1.03 15.70
C ILE A 24 6.05 0.06 15.02
N GLY A 25 6.38 1.32 15.26
CA GLY A 25 5.65 2.41 14.65
C GLY A 25 6.46 3.13 13.60
N ALA A 26 6.11 4.37 13.30
CA ALA A 26 6.74 5.04 12.18
C ALA A 26 8.23 5.20 12.42
N GLU A 27 8.65 5.43 13.67
CA GLU A 27 10.11 5.57 14.04
C GLU A 27 10.86 4.30 13.76
N GLY A 28 10.38 3.21 14.32
CA GLY A 28 11.03 1.94 14.13
C GLY A 28 11.01 1.50 12.67
N LEU A 29 9.90 1.70 11.96
CA LEU A 29 9.84 1.26 10.56
C LEU A 29 10.84 2.00 9.74
N GLN A 30 10.99 3.30 9.97
N GLN A 30 11.01 3.28 9.97
N GLN A 30 11.02 3.28 9.98
CA GLN A 30 11.98 4.05 9.21
CA GLN A 30 11.99 4.03 9.21
CA GLN A 30 12.00 4.04 9.21
C GLN A 30 13.37 3.49 9.45
C GLN A 30 13.37 3.47 9.44
C GLN A 30 13.37 3.47 9.43
N ARG A 31 13.70 3.16 10.69
CA ARG A 31 15.03 2.56 10.95
C ARG A 31 15.21 1.20 10.29
N LEU A 32 14.16 0.38 10.38
CA LEU A 32 14.21 -0.95 9.77
C LEU A 32 14.45 -0.84 8.25
N PHE A 33 13.71 0.03 7.60
CA PHE A 33 13.89 0.17 6.14
C PHE A 33 15.26 0.77 5.79
N GLU A 34 15.73 1.72 6.57
N GLU A 34 15.73 1.72 6.57
CA GLU A 34 17.08 2.22 6.39
CA GLU A 34 17.09 2.24 6.40
C GLU A 34 18.12 1.07 6.46
C GLU A 34 18.12 1.08 6.48
N ASP A 35 17.93 0.18 7.44
CA ASP A 35 18.92 -0.89 7.67
C ASP A 35 18.96 -1.86 6.53
N ILE A 36 17.86 -1.95 5.79
CA ILE A 36 17.89 -2.83 4.62
C ILE A 36 17.89 -2.10 3.29
N GLN A 37 18.26 -0.82 3.29
CA GLN A 37 18.43 -0.04 2.06
C GLN A 37 17.12 0.08 1.23
N VAL A 38 15.98 0.19 1.87
CA VAL A 38 14.72 0.36 1.19
C VAL A 38 14.20 1.76 1.47
N ASP A 39 13.79 2.47 0.42
CA ASP A 39 13.18 3.77 0.62
C ASP A 39 11.80 3.59 1.23
N PRO A 40 11.47 4.34 2.31
CA PRO A 40 10.11 4.32 2.86
C PRO A 40 8.99 4.53 1.84
N SER A 41 9.25 5.22 0.73
N SER A 41 9.25 5.23 0.74
CA SER A 41 8.20 5.47 -0.25
CA SER A 41 8.20 5.48 -0.23
C SER A 41 8.18 4.43 -1.38
C SER A 41 7.98 4.29 -1.17
N ASP A 42 8.94 3.36 -1.20
CA ASP A 42 8.92 2.25 -2.16
C ASP A 42 7.63 1.42 -1.96
N VAL A 43 7.02 1.03 -3.06
CA VAL A 43 5.78 0.26 -3.02
C VAL A 43 5.96 -1.03 -2.21
N VAL A 44 7.18 -1.54 -2.15
N VAL A 44 7.17 -1.58 -2.15
CA VAL A 44 7.39 -2.82 -1.48
CA VAL A 44 7.35 -2.85 -1.44
C VAL A 44 7.12 -2.71 0.02
C VAL A 44 7.11 -2.73 0.05
N THR A 45 7.19 -1.51 0.60
CA THR A 45 6.89 -1.34 2.02
C THR A 45 5.39 -1.61 2.23
N LEU A 46 4.55 -1.19 1.26
CA LEU A 46 3.12 -1.49 1.33
C LEU A 46 2.85 -2.97 1.06
N VAL A 47 3.59 -3.59 0.14
CA VAL A 47 3.39 -5.02 -0.09
C VAL A 47 3.73 -5.80 1.17
N LEU A 48 4.79 -5.40 1.87
CA LEU A 48 5.11 -6.06 3.15
C LEU A 48 3.94 -5.92 4.15
N ALA A 49 3.40 -4.70 4.25
CA ALA A 49 2.25 -4.49 5.14
C ALA A 49 1.08 -5.40 4.78
N TRP A 50 0.79 -5.51 3.48
CA TRP A 50 -0.24 -6.39 3.00
C TRP A 50 0.01 -7.84 3.44
N LYS A 51 1.22 -8.35 3.23
CA LYS A 51 1.50 -9.74 3.63
C LYS A 51 1.44 -9.92 5.14
N LEU A 52 1.76 -8.91 5.90
CA LEU A 52 1.71 -9.01 7.38
C LEU A 52 0.28 -8.73 7.89
N LYS A 53 -0.69 -8.50 7.00
CA LYS A 53 -2.06 -8.22 7.38
C LYS A 53 -2.09 -7.03 8.34
N ALA A 54 -1.29 -6.00 8.08
CA ALA A 54 -1.19 -4.88 8.99
C ALA A 54 -2.51 -4.13 9.10
N SER A 55 -2.94 -3.81 10.32
N SER A 55 -2.89 -3.77 10.32
CA SER A 55 -4.22 -3.13 10.53
CA SER A 55 -4.21 -3.18 10.59
C SER A 55 -4.06 -1.63 10.56
C SER A 55 -4.16 -1.71 10.89
N SER A 56 -2.94 -1.17 11.11
CA SER A 56 -2.76 0.25 11.40
C SER A 56 -1.66 0.85 10.54
N THR A 57 -1.93 2.04 10.01
CA THR A 57 -1.01 2.65 9.07
C THR A 57 0.37 2.93 9.68
N CSO A 58 1.44 2.55 9.00
N CSO A 58 1.43 2.54 8.96
N CSO A 58 1.43 2.52 8.98
CA CSO A 58 2.80 2.89 9.52
CA CSO A 58 2.87 2.72 9.39
CA CSO A 58 2.81 2.73 9.49
CB CSO A 58 2.92 4.42 9.68
CB CSO A 58 3.40 4.16 9.33
CB CSO A 58 3.12 4.23 9.62
SG CSO A 58 3.42 5.20 8.18
SG CSO A 58 3.85 4.56 7.66
SG CSO A 58 3.50 5.02 8.08
C CSO A 58 3.10 2.22 10.84
C CSO A 58 3.21 2.09 10.71
C CSO A 58 3.00 2.06 10.82
O CSO A 58 3.79 2.78 11.69
O CSO A 58 4.14 2.54 11.41
O CSO A 58 3.64 2.60 11.73
OD CSO A 58 4.78 4.28 7.60
OD CSO A 58 2.33 4.89 6.97
OD CSO A 58 3.82 6.68 8.49
N GLU A 59 2.54 1.08 11.05
N GLU A 59 2.48 1.04 11.05
CA GLU A 59 2.84 0.25 12.23
CA GLU A 59 2.79 0.23 12.23
C GLU A 59 2.72 -1.23 11.96
C GLU A 59 2.76 -1.25 11.91
N PHE A 60 3.45 -2.04 12.75
CA PHE A 60 3.19 -3.45 12.86
C PHE A 60 3.06 -3.78 14.35
N SER A 61 1.98 -4.44 14.74
CA SER A 61 1.89 -4.95 16.10
C SER A 61 2.89 -6.08 16.25
N GLU A 62 3.16 -6.45 17.51
CA GLU A 62 4.06 -7.56 17.74
C GLU A 62 3.53 -8.83 17.06
N LYS A 63 2.22 -9.12 17.18
CA LYS A 63 1.69 -10.30 16.52
C LYS A 63 1.84 -10.22 15.02
N GLU A 64 1.46 -9.08 14.42
CA GLU A 64 1.59 -8.97 12.97
C GLU A 64 3.04 -9.23 12.52
N PHE A 65 4.00 -8.60 13.17
CA PHE A 65 5.39 -8.70 12.76
C PHE A 65 5.94 -10.10 12.94
N VAL A 66 5.69 -10.70 14.11
CA VAL A 66 6.32 -11.97 14.41
C VAL A 66 5.63 -13.06 13.60
N GLU A 67 4.30 -13.07 13.56
N GLU A 67 4.32 -13.11 13.55
CA GLU A 67 3.66 -14.10 12.74
CA GLU A 67 3.66 -14.11 12.72
C GLU A 67 3.84 -13.90 11.23
C GLU A 67 3.88 -13.90 11.23
N GLY A 68 3.94 -12.64 10.83
CA GLY A 68 4.13 -12.31 9.44
C GLY A 68 5.50 -12.74 8.93
N LEU A 69 6.56 -12.42 9.67
CA LEU A 69 7.90 -12.83 9.23
C LEU A 69 7.97 -14.35 9.23
N ALA A 70 7.33 -14.96 10.22
CA ALA A 70 7.36 -16.42 10.25
C ALA A 70 6.68 -16.99 9.02
N ASN A 71 5.53 -16.45 8.63
N ASN A 71 5.55 -16.43 8.61
CA ASN A 71 4.83 -16.89 7.44
CA ASN A 71 4.82 -16.91 7.44
C ASN A 71 5.66 -16.72 6.18
C ASN A 71 5.59 -16.65 6.13
N LEU A 72 6.46 -15.65 6.14
CA LEU A 72 7.30 -15.32 5.00
C LEU A 72 8.62 -16.09 5.05
N GLN A 73 8.80 -16.91 6.08
CA GLN A 73 10.03 -17.65 6.29
C GLN A 73 11.25 -16.70 6.39
N VAL A 74 11.09 -15.59 7.09
CA VAL A 74 12.16 -14.61 7.27
C VAL A 74 12.62 -14.53 8.73
N ASP A 75 13.92 -14.69 8.97
CA ASP A 75 14.43 -14.56 10.32
C ASP A 75 15.78 -13.86 10.46
N SER A 76 16.07 -13.01 9.49
CA SER A 76 17.15 -12.10 9.58
C SER A 76 16.81 -10.88 8.75
N LEU A 77 17.57 -9.83 8.92
CA LEU A 77 17.40 -8.63 8.15
C LEU A 77 17.76 -8.91 6.73
N GLU A 78 18.85 -9.65 6.50
CA GLU A 78 19.21 -9.90 5.14
C GLU A 78 18.11 -10.72 4.45
N LYS A 79 17.53 -11.68 5.16
N LYS A 79 17.53 -11.68 5.13
CA LYS A 79 16.44 -12.46 4.54
CA LYS A 79 16.42 -12.44 4.53
C LYS A 79 15.21 -11.59 4.27
C LYS A 79 15.19 -11.59 4.27
N LEU A 80 14.94 -10.63 5.13
CA LEU A 80 13.83 -9.67 4.92
C LEU A 80 14.09 -8.83 3.67
N LYS A 81 15.30 -8.33 3.53
CA LYS A 81 15.66 -7.56 2.37
C LYS A 81 15.46 -8.36 1.06
N ARG A 82 15.88 -9.60 1.04
CA ARG A 82 15.69 -10.45 -0.11
C ARG A 82 14.23 -10.77 -0.34
N LYS A 83 13.47 -10.96 0.74
N LYS A 83 13.48 -10.96 0.75
CA LYS A 83 12.06 -11.24 0.57
CA LYS A 83 12.05 -11.21 0.60
C LYS A 83 11.33 -10.03 -0.05
C LYS A 83 11.35 -10.03 -0.06
N LEU A 84 11.73 -8.81 0.27
CA LEU A 84 11.08 -7.66 -0.36
C LEU A 84 11.28 -7.70 -1.87
N SER A 85 12.43 -8.19 -2.34
N SER A 85 12.50 -7.99 -2.30
CA SER A 85 12.63 -8.34 -3.78
CA SER A 85 12.77 -8.03 -3.73
C SER A 85 11.69 -9.40 -4.37
C SER A 85 11.80 -9.00 -4.37
N SER A 86 11.48 -10.48 -3.62
N SER A 86 11.59 -10.16 -3.72
CA SER A 86 10.51 -11.49 -4.03
CA SER A 86 10.66 -11.16 -4.20
C SER A 86 9.08 -10.93 -4.04
C SER A 86 9.22 -10.63 -4.21
N LEU A 87 8.79 -10.03 -3.09
CA LEU A 87 7.45 -9.43 -3.01
C LEU A 87 7.17 -8.51 -4.18
N ARG A 88 8.17 -7.77 -4.63
CA ARG A 88 8.00 -6.92 -5.80
C ARG A 88 7.60 -7.72 -7.03
N LYS A 89 8.20 -8.88 -7.16
CA LYS A 89 7.90 -9.77 -8.28
C LYS A 89 6.52 -10.39 -8.12
N GLU A 90 6.09 -10.64 -6.89
CA GLU A 90 4.85 -11.38 -6.67
C GLU A 90 3.65 -10.61 -7.22
N ILE A 91 3.66 -9.28 -7.08
CA ILE A 91 2.52 -8.49 -7.49
C ILE A 91 2.42 -8.21 -8.99
N GLU A 92 3.29 -8.87 -9.76
CA GLU A 92 3.13 -8.88 -11.22
C GLU A 92 1.96 -9.79 -11.62
N ASP A 93 1.48 -10.61 -10.70
CA ASP A 93 0.27 -11.39 -10.93
C ASP A 93 -0.93 -10.45 -10.76
N PRO A 94 -1.80 -10.34 -11.79
N PRO A 94 -1.85 -10.40 -11.75
CA PRO A 94 -2.93 -9.42 -11.75
CA PRO A 94 -2.91 -9.38 -11.70
C PRO A 94 -3.89 -9.59 -10.58
C PRO A 94 -3.93 -9.59 -10.59
N SER A 95 -4.20 -10.83 -10.19
CA SER A 95 -5.15 -10.97 -9.11
C SER A 95 -4.52 -10.59 -7.79
N LYS A 96 -3.20 -10.83 -7.63
CA LYS A 96 -2.52 -10.36 -6.45
C LYS A 96 -2.46 -8.83 -6.45
N PHE A 97 -2.19 -8.23 -7.61
CA PHE A 97 -2.12 -6.77 -7.61
C PHE A 97 -3.47 -6.18 -7.22
N ARG A 98 -4.58 -6.71 -7.74
CA ARG A 98 -5.90 -6.16 -7.37
C ARG A 98 -6.09 -6.26 -5.88
N ALA A 99 -5.76 -7.42 -5.29
CA ALA A 99 -5.99 -7.63 -3.88
C ALA A 99 -5.16 -6.65 -3.06
N PHE A 100 -3.87 -6.56 -3.41
CA PHE A 100 -2.93 -5.65 -2.76
C PHE A 100 -3.43 -4.18 -2.86
N TYR A 101 -3.82 -3.78 -4.06
CA TYR A 101 -4.35 -2.42 -4.29
C TYR A 101 -5.56 -2.14 -3.38
N GLN A 102 -6.47 -3.09 -3.26
CA GLN A 102 -7.63 -2.86 -2.41
C GLN A 102 -7.26 -2.78 -0.93
N PHE A 103 -6.28 -3.58 -0.52
CA PHE A 103 -5.81 -3.54 0.85
C PHE A 103 -5.26 -2.16 1.17
N VAL A 104 -4.53 -1.54 0.24
CA VAL A 104 -3.88 -0.27 0.57
C VAL A 104 -4.89 0.80 1.02
N PHE A 105 -6.11 0.80 0.46
CA PHE A 105 -7.14 1.72 0.94
C PHE A 105 -7.44 1.51 2.41
N GLN A 106 -7.70 0.26 2.75
CA GLN A 106 -8.06 -0.07 4.12
C GLN A 106 -6.95 0.24 5.13
N TYR A 107 -5.73 -0.08 4.73
CA TYR A 107 -4.55 0.12 5.56
C TYR A 107 -4.27 1.59 5.78
N SER A 108 -4.52 2.41 4.76
CA SER A 108 -4.08 3.78 4.78
C SER A 108 -5.06 4.76 5.43
N LYS A 109 -6.29 4.34 5.63
CA LYS A 109 -7.23 5.29 6.25
C LYS A 109 -7.29 5.06 7.75
N GLU A 110 -7.86 6.00 8.44
CA GLU A 110 -8.07 5.77 9.87
C GLU A 110 -9.28 4.89 10.06
N PRO A 111 -9.24 4.02 11.08
CA PRO A 111 -10.27 2.98 11.28
C PRO A 111 -11.65 3.61 11.38
N SER A 112 -11.70 4.78 11.98
CA SER A 112 -12.96 5.47 12.25
C SER A 112 -13.54 6.14 11.01
N GLN A 113 -12.70 6.38 10.00
CA GLN A 113 -13.16 7.01 8.77
C GLN A 113 -13.59 6.01 7.71
N ARG A 114 -14.51 6.43 6.85
CA ARG A 114 -15.00 5.58 5.79
C ARG A 114 -14.24 5.87 4.50
N SER A 115 -13.52 6.99 4.48
N SER A 115 -13.57 7.03 4.47
CA SER A 115 -12.89 7.45 3.25
CA SER A 115 -12.91 7.51 3.25
C SER A 115 -11.41 7.73 3.46
C SER A 115 -11.45 7.90 3.46
N LEU A 116 -10.71 8.02 2.37
CA LEU A 116 -9.30 8.34 2.43
C LEU A 116 -9.10 9.79 2.03
N PRO A 117 -8.34 10.58 2.77
CA PRO A 117 -8.15 11.98 2.39
C PRO A 117 -7.60 12.11 0.99
N ALA A 118 -8.10 13.11 0.26
CA ALA A 118 -7.70 13.36 -1.12
C ALA A 118 -6.18 13.35 -1.34
N GLU A 119 -5.48 14.04 -0.46
CA GLU A 119 -4.04 14.16 -0.65
C GLU A 119 -3.33 12.81 -0.50
N THR A 120 -3.80 12.02 0.46
CA THR A 120 -3.24 10.71 0.71
C THR A 120 -3.52 9.79 -0.49
N ALA A 121 -4.77 9.84 -0.99
CA ALA A 121 -5.14 9.04 -2.16
C ALA A 121 -4.25 9.38 -3.36
N MSE A 122 -4.01 10.67 -3.61
N MSE A 122 -4.07 10.68 -3.56
CA MSE A 122 -3.16 11.02 -4.76
CA MSE A 122 -3.22 11.19 -4.63
C MSE A 122 -1.73 10.55 -4.64
C MSE A 122 -1.81 10.61 -4.61
O MSE A 122 -1.12 10.07 -5.60
O MSE A 122 -1.33 10.09 -5.62
CB MSE A 122 -3.19 12.53 -5.01
CB MSE A 122 -3.14 12.72 -4.50
CG MSE A 122 -4.56 13.00 -5.43
CG MSE A 122 -2.57 13.44 -5.70
SE MSE A 122 -4.71 14.86 -5.80
SE MSE A 122 -2.66 15.37 -5.43
CE MSE A 122 -3.43 15.05 -7.27
CE MSE A 122 -4.27 15.37 -4.39
N ALA A 123 -1.16 10.69 -3.45
CA ALA A 123 0.20 10.23 -3.26
C ALA A 123 0.28 8.72 -3.48
N LEU A 124 -0.70 7.99 -2.98
CA LEU A 124 -0.68 6.53 -3.13
C LEU A 124 -0.95 6.13 -4.58
N TRP A 125 -1.85 6.82 -5.26
CA TRP A 125 -2.09 6.50 -6.66
C TRP A 125 -0.87 6.71 -7.51
N ASP A 126 -0.12 7.75 -7.19
CA ASP A 126 1.11 7.97 -7.92
C ASP A 126 2.08 6.78 -7.74
N VAL A 127 2.19 6.25 -6.54
CA VAL A 127 3.07 5.12 -6.23
C VAL A 127 2.55 3.81 -6.82
N LEU A 128 1.25 3.56 -6.69
CA LEU A 128 0.64 2.29 -7.10
C LEU A 128 0.39 2.15 -8.56
N LEU A 129 -0.08 3.21 -9.24
CA LEU A 129 -0.64 3.04 -10.57
C LEU A 129 0.27 3.60 -11.65
N ARG A 130 1.38 4.22 -11.28
CA ARG A 130 2.24 4.73 -12.36
C ARG A 130 2.76 3.56 -13.17
N GLY A 131 2.52 3.60 -14.49
CA GLY A 131 2.91 2.49 -15.37
C GLY A 131 1.87 1.39 -15.58
N ARG A 132 0.75 1.50 -14.88
CA ARG A 132 -0.37 0.57 -15.00
C ARG A 132 -1.63 1.35 -15.42
N PHE A 133 -1.54 2.67 -15.43
CA PHE A 133 -2.72 3.52 -15.66
C PHE A 133 -2.27 4.65 -16.54
N SER A 134 -2.57 4.49 -17.83
N SER A 134 -2.51 4.52 -17.85
N SER A 134 -2.55 4.51 -17.83
CA SER A 134 -2.08 5.40 -18.85
CA SER A 134 -1.95 5.48 -18.78
CA SER A 134 -2.04 5.44 -18.82
C SER A 134 -2.55 6.83 -18.59
C SER A 134 -2.51 6.89 -18.54
C SER A 134 -2.53 6.86 -18.56
N LEU A 135 -3.77 6.97 -18.09
CA LEU A 135 -4.38 8.28 -17.80
C LEU A 135 -4.07 8.87 -16.40
N LEU A 136 -3.09 8.31 -15.69
CA LEU A 136 -2.80 8.76 -14.35
C LEU A 136 -2.53 10.25 -14.24
N ASP A 137 -1.68 10.79 -15.09
CA ASP A 137 -1.37 12.20 -14.97
C ASP A 137 -2.62 13.09 -15.20
N SER A 138 -3.44 12.70 -16.14
CA SER A 138 -4.68 13.41 -16.37
C SER A 138 -5.68 13.29 -15.18
N TRP A 139 -5.76 12.09 -14.60
CA TRP A 139 -6.56 11.88 -13.40
C TRP A 139 -6.08 12.79 -12.28
N LEU A 140 -4.76 12.83 -12.04
CA LEU A 140 -4.25 13.68 -10.95
C LEU A 140 -4.53 15.16 -11.24
N GLU A 141 -4.44 15.56 -12.52
CA GLU A 141 -4.72 16.94 -12.85
C GLU A 141 -6.22 17.26 -12.62
N PHE A 142 -7.09 16.37 -13.08
CA PHE A 142 -8.53 16.51 -12.83
C PHE A 142 -8.84 16.67 -11.35
N LEU A 143 -8.12 15.94 -10.50
CA LEU A 143 -8.38 15.98 -9.07
C LEU A 143 -8.05 17.33 -8.47
N LYS A 144 -7.35 18.21 -9.17
CA LYS A 144 -7.07 19.55 -8.59
C LYS A 144 -8.35 20.27 -8.23
N ASN A 145 -9.44 20.02 -8.93
CA ASN A 145 -10.70 20.66 -8.66
C ASN A 145 -11.78 19.72 -8.06
N ASN A 146 -11.34 18.59 -7.53
CA ASN A 146 -12.21 17.58 -6.94
C ASN A 146 -11.47 17.06 -5.75
N THR A 147 -11.59 17.76 -4.63
CA THR A 147 -10.67 17.56 -3.52
C THR A 147 -11.33 16.88 -2.30
N HIS A 148 -12.51 16.30 -2.47
CA HIS A 148 -13.12 15.56 -1.38
C HIS A 148 -12.41 14.23 -1.11
N SER A 149 -12.69 13.65 0.05
N SER A 149 -12.66 13.67 0.06
CA SER A 149 -12.12 12.35 0.40
CA SER A 149 -12.11 12.36 0.38
C SER A 149 -12.65 11.27 -0.54
C SER A 149 -12.58 11.33 -0.66
N ILE A 150 -11.83 10.25 -0.73
CA ILE A 150 -12.08 9.18 -1.71
C ILE A 150 -12.77 8.01 -1.01
N SER A 151 -13.95 7.64 -1.52
CA SER A 151 -14.67 6.51 -0.95
C SER A 151 -14.05 5.17 -1.35
N ARG A 152 -14.40 4.12 -0.61
CA ARG A 152 -13.94 2.78 -0.92
C ARG A 152 -14.33 2.36 -2.35
N ASP A 153 -15.57 2.62 -2.79
CA ASP A 153 -15.96 2.21 -4.14
C ASP A 153 -15.19 2.96 -5.21
N THR A 154 -14.95 4.25 -4.95
CA THR A 154 -14.21 5.04 -5.89
C THR A 154 -12.75 4.53 -6.04
N TRP A 155 -12.15 4.27 -4.88
CA TRP A 155 -10.80 3.67 -4.85
C TRP A 155 -10.80 2.37 -5.64
N ASN A 156 -11.69 1.48 -5.27
CA ASN A 156 -11.67 0.15 -5.92
C ASN A 156 -11.94 0.26 -7.42
N LEU A 157 -12.96 1.02 -7.82
N LEU A 157 -12.96 1.04 -7.78
CA LEU A 157 -13.30 1.05 -9.25
CA LEU A 157 -13.39 1.14 -9.17
C LEU A 157 -12.35 1.86 -10.09
C LEU A 157 -12.44 1.93 -10.06
N LEU A 158 -11.55 2.74 -9.49
CA LEU A 158 -10.55 3.42 -10.29
C LEU A 158 -9.59 2.38 -10.86
N TYR A 159 -9.32 1.31 -10.13
CA TYR A 159 -8.48 0.26 -10.66
C TYR A 159 -9.13 -0.40 -11.87
N ASP A 160 -10.41 -0.70 -11.75
N ASP A 160 -10.41 -0.70 -11.72
CA ASP A 160 -11.12 -1.28 -12.90
CA ASP A 160 -11.19 -1.27 -12.82
C ASP A 160 -11.16 -0.32 -14.06
C ASP A 160 -11.16 -0.32 -14.02
N PHE A 161 -11.33 0.96 -13.76
CA PHE A 161 -11.28 1.95 -14.83
C PHE A 161 -9.90 1.96 -15.53
N SER A 162 -8.84 1.86 -14.77
CA SER A 162 -7.50 1.85 -15.29
C SER A 162 -7.26 0.65 -16.19
N GLN A 163 -7.94 -0.46 -15.92
CA GLN A 163 -7.77 -1.70 -16.69
C GLN A 163 -8.67 -1.78 -17.89
N LEU A 164 -9.50 -0.78 -18.15
CA LEU A 164 -10.27 -0.78 -19.36
C LEU A 164 -9.39 -0.12 -20.35
N LYS A 167 -11.51 -0.71 -26.18
CA LYS A 167 -12.89 -0.64 -26.65
C LYS A 167 -13.93 -0.45 -25.53
N ASP A 168 -13.66 -0.98 -24.34
CA ASP A 168 -14.56 -0.75 -23.22
C ASP A 168 -14.40 0.70 -22.80
N LEU A 169 -13.21 1.18 -23.05
CA LEU A 169 -12.85 2.56 -22.95
C LEU A 169 -13.77 3.51 -23.70
N SER A 170 -13.70 3.39 -25.01
CA SER A 170 -14.57 4.14 -25.84
C SER A 170 -16.02 3.79 -25.56
N ASP A 171 -16.30 2.62 -25.10
CA ASP A 171 -17.68 2.31 -24.87
C ASP A 171 -18.14 2.60 -23.40
N TYR A 172 -17.30 3.27 -22.62
CA TYR A 172 -17.66 3.63 -21.25
C TYR A 172 -19.11 4.09 -21.18
N ASP A 173 -19.81 3.55 -20.23
CA ASP A 173 -21.21 3.77 -20.08
C ASP A 173 -21.51 4.76 -19.00
N ALA A 177 -23.25 2.35 -13.12
CA ALA A 177 -22.28 1.43 -12.56
C ALA A 177 -21.09 2.15 -11.91
N TRP A 178 -20.67 3.25 -12.52
CA TRP A 178 -19.46 3.94 -12.08
C TRP A 178 -19.73 5.06 -11.08
N PRO A 179 -18.84 5.21 -10.10
CA PRO A 179 -18.92 6.28 -9.12
C PRO A 179 -18.85 7.61 -9.83
N VAL A 180 -19.52 8.58 -9.25
CA VAL A 180 -19.65 9.89 -9.84
C VAL A 180 -18.29 10.55 -10.16
N LEU A 181 -17.26 10.34 -9.33
CA LEU A 181 -15.99 11.00 -9.59
C LEU A 181 -15.41 10.49 -10.91
N ILE A 182 -15.55 9.20 -11.17
CA ILE A 182 -15.05 8.63 -12.43
C ILE A 182 -15.89 9.06 -13.61
N ASP A 183 -17.22 9.10 -13.43
N ASP A 183 -17.22 9.07 -13.43
CA ASP A 183 -18.10 9.59 -14.48
CA ASP A 183 -18.14 9.62 -14.44
C ASP A 183 -17.76 11.04 -14.82
C ASP A 183 -17.74 11.03 -14.81
N ASP A 184 -17.50 11.86 -13.80
CA ASP A 184 -17.13 13.24 -14.01
C ASP A 184 -15.78 13.33 -14.75
N PHE A 185 -14.84 12.42 -14.46
CA PHE A 185 -13.55 12.41 -15.14
C PHE A 185 -13.73 12.12 -16.63
N VAL A 186 -14.55 11.16 -16.99
CA VAL A 186 -14.80 10.85 -18.41
C VAL A 186 -15.41 12.05 -19.13
N LYS A 187 -16.32 12.74 -18.50
CA LYS A 187 -16.90 13.97 -19.09
C LYS A 187 -15.83 15.05 -19.22
N TRP A 188 -14.98 15.18 -18.22
CA TRP A 188 -13.93 16.14 -18.24
C TRP A 188 -12.95 15.91 -19.40
N LEU A 189 -12.64 14.68 -19.67
CA LEU A 189 -11.76 14.32 -20.80
C LEU A 189 -12.32 14.77 -22.16
N LYS A 190 -13.62 14.93 -22.21
CA LYS A 190 -14.34 15.39 -23.42
C LYS A 190 -14.41 16.91 -23.48
N HIS A 191 -13.90 17.59 -22.49
CA HIS A 191 -13.94 19.00 -22.34
C HIS A 191 -15.36 19.45 -22.48
N GLU A 192 -16.27 18.84 -21.78
CA GLU A 192 -17.59 19.36 -21.92
C GLU A 192 -18.15 20.00 -20.70
S SO4 B . 14.66 -5.08 -6.18
O1 SO4 B . 14.80 -3.69 -6.61
O2 SO4 B . 15.54 -5.31 -5.02
O3 SO4 B . 13.27 -5.36 -5.79
O4 SO4 B . 15.06 -5.99 -7.25
C ACT C . -17.92 1.37 2.67
O ACT C . -17.17 1.08 3.58
OXT ACT C . -18.33 2.49 2.54
CH3 ACT C . -18.31 0.32 1.71
C ACT D . 3.81 -13.65 18.60
O ACT D . 3.02 -13.87 17.65
OXT ACT D . 4.36 -14.65 19.08
CH3 ACT D . 4.07 -12.26 19.11
#